data_6LIT
#
_entry.id   6LIT
#
_cell.length_a   44.951
_cell.length_b   45.027
_cell.length_c   57.368
_cell.angle_alpha   84.310
_cell.angle_beta   80.020
_cell.angle_gamma   79.310
#
_symmetry.space_group_name_H-M   'P 1'
#
loop_
_entity.id
_entity.type
_entity.pdbx_description
1 polymer 'Steroid hormone receptor ERR2'
2 polymer '10-mer from Nuclear receptor coactivator 2'
3 non-polymer "4,4'-PROPANE-2,2-DIYLDIPHENOL"
4 water water
#
loop_
_entity_poly.entity_id
_entity_poly.type
_entity_poly.pdbx_seq_one_letter_code
_entity_poly.pdbx_strand_id
1 'polypeptide(L)'
;PAKKPLTKIVSHLLVAEPDKLYAMPPPGMPEGDIKALTTLCDLADRELVVIIGWAKHIPGFSSLSLGDQMSLLQSAWMEI
LILGIVYRSLPYDDKLVYAEDYIMDEEHSRLAGLLELYRAILQLVRRYKKLKVEKEEFVTLKALALANSDSMHIEDLEAV
QKLQDLLHEALQDYELSQHHEEPWRTGKLLLTLPLLRQTAAKAVQHFYSVKLQGKVPMHKLFLEMLEAKV
;
A,B
2 'polypeptide(L)' KHKILHRLLQD D,E
#
# COMPACT_ATOMS: atom_id res chain seq x y z
N GLY A 32 1.54 32.93 -2.25
CA GLY A 32 2.59 32.39 -3.08
C GLY A 32 2.93 30.96 -2.72
N ASP A 33 3.50 30.22 -3.68
CA ASP A 33 3.89 28.84 -3.39
C ASP A 33 5.06 28.81 -2.42
N ILE A 34 5.98 29.77 -2.52
CA ILE A 34 7.08 29.86 -1.56
C ILE A 34 6.55 29.82 -0.14
N LYS A 35 5.77 30.85 0.24
CA LYS A 35 5.38 30.98 1.64
C LYS A 35 4.45 29.83 2.06
N ALA A 36 3.53 29.45 1.19
CA ALA A 36 2.59 28.38 1.54
C ALA A 36 3.33 27.08 1.83
N LEU A 37 4.25 26.69 0.94
CA LEU A 37 5.03 25.47 1.15
C LEU A 37 5.96 25.60 2.35
N THR A 38 6.52 26.79 2.57
CA THR A 38 7.33 27.01 3.78
C THR A 38 6.48 26.79 5.03
N THR A 39 5.27 27.35 5.05
CA THR A 39 4.37 27.15 6.18
C THR A 39 4.01 25.68 6.36
N LEU A 40 3.67 25.00 5.26
CA LEU A 40 3.30 23.60 5.33
C LEU A 40 4.45 22.76 5.88
N CYS A 41 5.68 23.04 5.44
CA CYS A 41 6.82 22.24 5.92
C CYS A 41 7.18 22.55 7.37
N ASP A 42 7.01 23.81 7.79
CA ASP A 42 7.17 24.15 9.20
C ASP A 42 6.13 23.43 10.07
N LEU A 43 4.87 23.36 9.61
CA LEU A 43 3.85 22.63 10.37
C LEU A 43 4.23 21.16 10.52
N ALA A 44 4.76 20.56 9.45
CA ALA A 44 5.15 19.15 9.49
C ALA A 44 6.28 18.92 10.50
N ASP A 45 7.26 19.82 10.53
CA ASP A 45 8.37 19.69 11.46
C ASP A 45 7.90 19.78 12.91
N ARG A 46 6.92 20.63 13.17
CA ARG A 46 6.35 20.75 14.51
C ARG A 46 5.49 19.54 14.87
N GLU A 47 4.76 18.96 13.90
CA GLU A 47 4.02 17.75 14.19
C GLU A 47 4.94 16.56 14.42
N LEU A 48 6.12 16.54 13.78
CA LEU A 48 7.06 15.44 13.99
C LEU A 48 7.54 15.39 15.43
N VAL A 49 7.70 16.54 16.07
CA VAL A 49 8.08 16.55 17.48
C VAL A 49 7.06 15.77 18.29
N VAL A 50 5.78 16.11 18.10
CA VAL A 50 4.69 15.41 18.78
C VAL A 50 4.66 13.93 18.39
N ILE A 51 4.78 13.63 17.09
CA ILE A 51 4.76 12.25 16.60
C ILE A 51 5.78 11.40 17.35
N ILE A 52 6.99 11.95 17.54
CA ILE A 52 8.08 11.17 18.11
C ILE A 52 7.80 10.88 19.57
N GLY A 53 7.40 11.91 20.33
CA GLY A 53 7.05 11.71 21.73
C GLY A 53 5.85 10.81 21.91
N TRP A 54 4.90 10.86 20.97
CA TRP A 54 3.76 9.93 21.01
C TRP A 54 4.23 8.49 20.79
N ALA A 55 5.10 8.28 19.80
CA ALA A 55 5.54 6.93 19.51
C ALA A 55 6.29 6.32 20.70
N LYS A 56 7.06 7.15 21.42
CA LYS A 56 7.82 6.65 22.55
C LYS A 56 6.93 6.06 23.64
N HIS A 57 5.64 6.38 23.66
CA HIS A 57 4.75 5.82 24.66
C HIS A 57 3.81 4.74 24.10
N ILE A 58 3.95 4.37 22.83
CA ILE A 58 3.23 3.20 22.32
C ILE A 58 3.70 1.96 23.10
N PRO A 59 2.81 1.17 23.68
CA PRO A 59 3.26 0.04 24.51
C PRO A 59 4.14 -0.93 23.72
N GLY A 60 5.33 -1.17 24.26
CA GLY A 60 6.31 -2.03 23.64
C GLY A 60 7.24 -1.34 22.66
N PHE A 61 6.88 -0.16 22.15
CA PHE A 61 7.71 0.47 21.13
C PHE A 61 9.11 0.71 21.65
N SER A 62 9.22 1.29 22.86
CA SER A 62 10.51 1.58 23.47
C SER A 62 11.28 0.33 23.89
N SER A 63 10.68 -0.84 23.83
CA SER A 63 11.43 -2.07 24.05
C SER A 63 12.20 -2.51 22.81
N LEU A 64 11.89 -1.97 21.63
CA LEU A 64 12.69 -2.23 20.44
C LEU A 64 14.07 -1.57 20.57
N SER A 65 15.02 -2.03 19.77
CA SER A 65 16.31 -1.35 19.71
C SER A 65 16.13 0.05 19.12
N LEU A 66 17.03 0.96 19.48
CA LEU A 66 16.92 2.31 18.93
C LEU A 66 16.96 2.26 17.41
N GLY A 67 17.81 1.38 16.86
CA GLY A 67 17.87 1.25 15.41
C GLY A 67 16.53 0.86 14.80
N ASP A 68 15.89 -0.16 15.39
CA ASP A 68 14.59 -0.60 14.89
C ASP A 68 13.52 0.46 15.12
N GLN A 69 13.56 1.16 16.25
CA GLN A 69 12.63 2.27 16.46
C GLN A 69 12.74 3.29 15.34
N MET A 70 13.96 3.68 15.01
CA MET A 70 14.19 4.67 13.96
C MET A 70 13.81 4.14 12.58
N SER A 71 14.04 2.84 12.32
CA SER A 71 13.64 2.30 11.02
C SER A 71 12.14 2.41 10.83
N LEU A 72 11.37 2.04 11.86
CA LEU A 72 9.92 2.09 11.73
C LEU A 72 9.46 3.53 11.52
N LEU A 73 9.97 4.46 12.32
CA LEU A 73 9.60 5.87 12.17
C LEU A 73 9.99 6.40 10.79
N GLN A 74 11.22 6.15 10.35
CA GLN A 74 11.60 6.66 9.04
C GLN A 74 10.78 6.05 7.91
N SER A 75 10.21 4.85 8.13
CA SER A 75 9.34 4.25 7.14
C SER A 75 7.93 4.82 7.18
N ALA A 76 7.42 5.09 8.38
CA ALA A 76 5.99 5.32 8.58
C ALA A 76 5.61 6.78 8.84
N TRP A 77 6.59 7.70 8.93
CA TRP A 77 6.28 9.03 9.44
C TRP A 77 5.22 9.72 8.59
N MET A 78 5.29 9.57 7.26
CA MET A 78 4.38 10.30 6.39
C MET A 78 2.97 9.70 6.42
N GLU A 79 2.87 8.36 6.48
CA GLU A 79 1.58 7.69 6.70
C GLU A 79 0.88 8.24 7.95
N ILE A 80 1.65 8.40 9.04
CA ILE A 80 1.06 8.84 10.29
C ILE A 80 0.66 10.32 10.22
N LEU A 81 1.52 11.14 9.60
CA LEU A 81 1.20 12.55 9.41
C LEU A 81 -0.08 12.71 8.60
N ILE A 82 -0.23 11.89 7.56
CA ILE A 82 -1.38 12.02 6.68
C ILE A 82 -2.66 11.58 7.41
N LEU A 83 -2.57 10.56 8.27
CA LEU A 83 -3.72 10.19 9.09
C LEU A 83 -4.16 11.33 10.00
N GLY A 84 -3.22 12.15 10.46
CA GLY A 84 -3.60 13.32 11.24
C GLY A 84 -4.32 14.36 10.40
N ILE A 85 -3.87 14.57 9.16
CA ILE A 85 -4.58 15.45 8.24
C ILE A 85 -6.00 14.94 7.99
N VAL A 86 -6.13 13.63 7.79
CA VAL A 86 -7.44 13.06 7.46
C VAL A 86 -8.42 13.29 8.61
N TYR A 87 -7.98 12.99 9.83
CA TYR A 87 -8.83 13.22 11.00
C TYR A 87 -9.23 14.68 11.11
N ARG A 88 -8.27 15.61 10.93
CA ARG A 88 -8.61 17.02 11.04
C ARG A 88 -9.53 17.49 9.92
N SER A 89 -9.53 16.80 8.78
CA SER A 89 -10.30 17.22 7.60
C SER A 89 -11.72 16.69 7.60
N LEU A 90 -12.03 15.75 8.50
CA LEU A 90 -13.38 15.18 8.55
C LEU A 90 -14.49 16.21 8.72
N PRO A 91 -14.35 17.31 9.47
CA PRO A 91 -15.46 18.27 9.55
C PRO A 91 -15.69 19.08 8.28
N TYR A 92 -14.80 19.00 7.29
CA TYR A 92 -14.82 19.87 6.12
C TYR A 92 -15.27 19.13 4.86
N ASP A 93 -15.68 19.93 3.88
CA ASP A 93 -16.09 19.44 2.56
C ASP A 93 -15.09 19.95 1.53
N ASP A 94 -14.34 19.02 0.93
CA ASP A 94 -13.38 19.32 -0.14
C ASP A 94 -12.28 20.28 0.33
N LYS A 95 -11.94 20.24 1.61
CA LYS A 95 -10.84 21.02 2.15
C LYS A 95 -9.98 20.14 3.05
N LEU A 96 -8.69 20.43 3.08
CA LEU A 96 -7.73 19.67 3.89
C LEU A 96 -7.21 20.57 5.00
N VAL A 97 -7.31 20.08 6.23
CA VAL A 97 -6.93 20.83 7.42
C VAL A 97 -5.53 20.38 7.81
N TYR A 98 -4.51 21.08 7.30
CA TYR A 98 -3.14 20.70 7.63
C TYR A 98 -2.78 21.07 9.06
N ALA A 99 -3.39 22.13 9.58
CA ALA A 99 -3.42 22.40 11.02
C ALA A 99 -4.80 22.96 11.30
N GLU A 100 -5.14 23.15 12.58
CA GLU A 100 -6.45 23.71 12.90
C GLU A 100 -6.67 25.06 12.23
N ASP A 101 -5.59 25.81 12.01
CA ASP A 101 -5.65 27.16 11.47
C ASP A 101 -4.93 27.25 10.13
N TYR A 102 -4.87 26.15 9.39
CA TYR A 102 -4.34 26.21 8.04
C TYR A 102 -5.08 25.17 7.21
N ILE A 103 -6.05 25.63 6.41
CA ILE A 103 -6.95 24.79 5.63
C ILE A 103 -6.74 25.13 4.16
N MET A 104 -6.76 24.11 3.29
CA MET A 104 -6.53 24.33 1.87
C MET A 104 -7.67 23.72 1.07
N ASP A 105 -8.21 24.50 0.13
CA ASP A 105 -9.23 24.03 -0.78
C ASP A 105 -8.57 23.68 -2.12
N GLU A 106 -9.41 23.27 -3.09
CA GLU A 106 -8.86 22.81 -4.36
C GLU A 106 -8.05 23.92 -5.04
N GLU A 107 -8.59 25.13 -5.08
CA GLU A 107 -7.94 26.19 -5.85
C GLU A 107 -6.59 26.60 -5.26
N HIS A 108 -6.49 26.70 -3.93
CA HIS A 108 -5.22 27.07 -3.32
C HIS A 108 -4.20 25.93 -3.42
N SER A 109 -4.67 24.68 -3.44
CA SER A 109 -3.78 23.56 -3.68
C SER A 109 -3.17 23.62 -5.08
N ARG A 110 -4.01 23.91 -6.09
CA ARG A 110 -3.50 24.06 -7.45
C ARG A 110 -2.49 25.19 -7.54
N LEU A 111 -2.73 26.29 -6.82
CA LEU A 111 -1.81 27.42 -6.85
C LEU A 111 -0.41 27.06 -6.38
N ALA A 112 -0.28 26.09 -5.46
CA ALA A 112 1.01 25.71 -4.91
C ALA A 112 1.52 24.35 -5.39
N GLY A 113 0.94 23.81 -6.47
CA GLY A 113 1.43 22.55 -7.02
C GLY A 113 1.04 21.31 -6.26
N LEU A 114 0.05 21.41 -5.38
CA LEU A 114 -0.36 20.31 -4.51
C LEU A 114 -1.68 19.65 -4.95
N LEU A 115 -2.16 19.93 -6.16
CA LEU A 115 -3.49 19.46 -6.57
C LEU A 115 -3.58 17.94 -6.54
N GLU A 116 -2.60 17.25 -7.12
CA GLU A 116 -2.67 15.80 -7.13
C GLU A 116 -2.63 15.23 -5.71
N LEU A 117 -1.76 15.76 -4.87
CA LEU A 117 -1.68 15.25 -3.50
C LEU A 117 -2.94 15.58 -2.72
N TYR A 118 -3.53 16.74 -2.99
CA TYR A 118 -4.77 17.13 -2.32
C TYR A 118 -5.90 16.17 -2.68
N ARG A 119 -6.01 15.80 -3.96
CA ARG A 119 -7.06 14.89 -4.37
C ARG A 119 -6.85 13.49 -3.79
N ALA A 120 -5.59 13.05 -3.70
CA ALA A 120 -5.30 11.74 -3.13
C ALA A 120 -5.66 11.68 -1.64
N ILE A 121 -5.29 12.70 -0.88
CA ILE A 121 -5.66 12.71 0.55
C ILE A 121 -7.17 12.80 0.71
N LEU A 122 -7.84 13.59 -0.14
CA LEU A 122 -9.31 13.68 -0.09
C LEU A 122 -9.98 12.35 -0.39
N GLN A 123 -9.35 11.48 -1.19
CA GLN A 123 -9.93 10.16 -1.38
C GLN A 123 -9.89 9.35 -0.09
N LEU A 124 -8.85 9.54 0.73
CA LEU A 124 -8.86 8.91 2.06
C LEU A 124 -9.94 9.54 2.93
N VAL A 125 -10.01 10.87 2.95
CA VAL A 125 -11.04 11.55 3.73
C VAL A 125 -12.43 11.01 3.39
N ARG A 126 -12.68 10.80 2.10
CA ARG A 126 -13.97 10.26 1.67
C ARG A 126 -14.29 8.94 2.38
N ARG A 127 -13.34 7.99 2.35
CA ARG A 127 -13.58 6.68 2.96
C ARG A 127 -13.71 6.78 4.48
N TYR A 128 -12.87 7.60 5.11
CA TYR A 128 -12.91 7.73 6.57
C TYR A 128 -14.19 8.43 7.02
N LYS A 129 -14.66 9.42 6.27
CA LYS A 129 -15.95 10.04 6.55
C LYS A 129 -17.08 9.01 6.44
N LYS A 130 -17.04 8.19 5.39
CA LYS A 130 -18.11 7.21 5.19
C LYS A 130 -18.16 6.21 6.34
N LEU A 131 -16.98 5.75 6.81
CA LEU A 131 -16.90 4.82 7.92
C LEU A 131 -17.03 5.49 9.27
N LYS A 132 -17.09 6.81 9.29
CA LYS A 132 -17.18 7.59 10.53
C LYS A 132 -16.10 7.15 11.51
N VAL A 133 -14.86 7.13 11.01
CA VAL A 133 -13.72 6.72 11.83
C VAL A 133 -13.59 7.69 13.00
N GLU A 134 -13.37 7.14 14.20
CA GLU A 134 -13.35 7.89 15.44
C GLU A 134 -11.92 8.26 15.84
N LYS A 135 -11.81 9.25 16.72
CA LYS A 135 -10.50 9.70 17.17
C LYS A 135 -9.68 8.54 17.74
N GLU A 136 -10.32 7.70 18.56
CA GLU A 136 -9.63 6.56 19.15
C GLU A 136 -9.14 5.59 18.08
N GLU A 137 -9.88 5.46 16.97
CA GLU A 137 -9.46 4.54 15.92
C GLU A 137 -8.28 5.09 15.13
N PHE A 138 -8.25 6.42 14.91
CA PHE A 138 -7.10 7.04 14.25
C PHE A 138 -5.81 6.76 15.02
N VAL A 139 -5.83 6.90 16.35
CA VAL A 139 -4.64 6.69 17.16
C VAL A 139 -4.17 5.24 17.03
N THR A 140 -5.11 4.31 17.07
CA THR A 140 -4.79 2.90 16.95
C THR A 140 -4.27 2.56 15.56
N LEU A 141 -4.83 3.19 14.52
CA LEU A 141 -4.36 2.97 13.16
C LEU A 141 -2.98 3.59 12.95
N LYS A 142 -2.69 4.74 13.56
CA LYS A 142 -1.35 5.31 13.43
C LYS A 142 -0.30 4.39 14.05
N ALA A 143 -0.60 3.82 15.22
CA ALA A 143 0.34 2.89 15.86
C ALA A 143 0.51 1.63 15.01
N LEU A 144 -0.60 1.05 14.55
CA LEU A 144 -0.53 -0.15 13.72
C LEU A 144 0.26 0.12 12.43
N ALA A 145 0.01 1.26 11.78
CA ALA A 145 0.76 1.62 10.57
C ALA A 145 2.26 1.72 10.84
N LEU A 146 2.64 2.24 12.01
CA LEU A 146 4.05 2.31 12.38
C LEU A 146 4.67 0.92 12.47
N ALA A 147 4.01 0.00 13.17
CA ALA A 147 4.56 -1.33 13.35
C ALA A 147 4.45 -2.18 12.09
N ASN A 148 3.52 -1.85 11.19
CA ASN A 148 3.33 -2.56 9.94
C ASN A 148 4.14 -1.96 8.77
N SER A 149 5.17 -1.15 9.04
CA SER A 149 5.71 -0.29 7.98
C SER A 149 6.59 -1.02 6.97
N ASP A 150 7.07 -2.24 7.26
CA ASP A 150 7.80 -3.05 6.28
C ASP A 150 9.17 -2.46 5.93
N SER A 151 9.88 -1.93 6.93
CA SER A 151 11.21 -1.40 6.69
C SER A 151 12.18 -2.49 6.27
N MET A 152 13.25 -2.09 5.59
CA MET A 152 14.22 -3.03 5.05
C MET A 152 15.47 -3.21 5.93
N HIS A 153 15.56 -2.53 7.07
CA HIS A 153 16.76 -2.63 7.90
C HIS A 153 16.41 -3.02 9.33
N ILE A 154 15.46 -3.94 9.50
CA ILE A 154 15.04 -4.34 10.85
C ILE A 154 16.05 -5.31 11.43
N GLU A 155 16.49 -5.04 12.66
CA GLU A 155 17.42 -5.92 13.38
C GLU A 155 16.71 -7.13 13.97
N ASP A 156 15.60 -6.91 14.66
CA ASP A 156 14.86 -7.97 15.37
C ASP A 156 13.46 -8.06 14.74
N LEU A 157 13.35 -8.85 13.67
CA LEU A 157 12.07 -8.99 12.95
C LEU A 157 10.97 -9.54 13.85
N GLU A 158 11.31 -10.44 14.77
CA GLU A 158 10.28 -11.05 15.59
C GLU A 158 9.81 -10.13 16.72
N ALA A 159 10.68 -9.27 17.26
CA ALA A 159 10.20 -8.24 18.17
C ALA A 159 9.23 -7.31 17.46
N VAL A 160 9.56 -6.91 16.23
CA VAL A 160 8.66 -6.02 15.49
C VAL A 160 7.34 -6.71 15.18
N GLN A 161 7.41 -8.00 14.79
CA GLN A 161 6.19 -8.74 14.50
C GLN A 161 5.32 -8.89 15.75
N LYS A 162 5.94 -9.13 16.91
CA LYS A 162 5.17 -9.20 18.15
C LYS A 162 4.44 -7.90 18.44
N LEU A 163 5.11 -6.77 18.17
CA LEU A 163 4.49 -5.47 18.44
C LEU A 163 3.34 -5.22 17.49
N GLN A 164 3.56 -5.51 16.20
CA GLN A 164 2.48 -5.43 15.22
C GLN A 164 1.27 -6.28 15.62
N ASP A 165 1.51 -7.51 16.12
CA ASP A 165 0.42 -8.38 16.52
C ASP A 165 -0.36 -7.81 17.70
N LEU A 166 0.33 -7.20 18.66
CA LEU A 166 -0.37 -6.61 19.79
C LEU A 166 -1.19 -5.40 19.36
N LEU A 167 -0.62 -4.55 18.50
CA LEU A 167 -1.34 -3.35 18.07
C LEU A 167 -2.51 -3.70 17.15
N HIS A 168 -2.38 -4.75 16.35
CA HIS A 168 -3.52 -5.26 15.58
C HIS A 168 -4.60 -5.82 16.51
N GLU A 169 -4.19 -6.52 17.57
CA GLU A 169 -5.14 -7.07 18.54
C GLU A 169 -5.84 -5.95 19.32
N ALA A 170 -5.12 -4.89 19.65
CA ALA A 170 -5.74 -3.74 20.32
C ALA A 170 -6.89 -3.17 19.48
N LEU A 171 -6.69 -3.07 18.16
CA LEU A 171 -7.74 -2.52 17.31
C LEU A 171 -8.92 -3.48 17.20
N GLN A 172 -8.66 -4.78 17.02
CA GLN A 172 -9.74 -5.76 16.99
C GLN A 172 -10.51 -5.79 18.32
N ASP A 173 -9.81 -5.76 19.45
CA ASP A 173 -10.47 -5.74 20.75
C ASP A 173 -11.40 -4.55 20.87
N TYR A 174 -10.90 -3.36 20.53
CA TYR A 174 -11.75 -2.16 20.53
C TYR A 174 -12.98 -2.35 19.63
N GLU A 175 -12.78 -2.83 18.41
CA GLU A 175 -13.91 -2.92 17.48
C GLU A 175 -14.95 -3.94 17.96
N LEU A 176 -14.50 -5.03 18.59
CA LEU A 176 -15.46 -6.00 19.10
C LEU A 176 -16.26 -5.43 20.26
N SER A 177 -15.62 -4.61 21.08
CA SER A 177 -16.26 -4.07 22.28
C SER A 177 -17.17 -2.88 21.96
N GLN A 178 -16.75 -2.00 21.04
CA GLN A 178 -17.45 -0.75 20.76
C GLN A 178 -18.34 -0.78 19.53
N HIS A 179 -18.11 -1.71 18.59
CA HIS A 179 -18.85 -1.76 17.33
C HIS A 179 -19.21 -3.20 16.99
N HIS A 180 -19.74 -3.93 17.96
CA HIS A 180 -20.00 -5.35 17.77
C HIS A 180 -21.00 -5.61 16.65
N GLU A 181 -21.94 -4.69 16.43
CA GLU A 181 -22.94 -4.92 15.39
C GLU A 181 -22.40 -4.64 13.98
N GLU A 182 -21.14 -4.16 13.86
CA GLU A 182 -20.48 -4.02 12.57
C GLU A 182 -19.33 -5.01 12.50
N PRO A 183 -19.59 -6.27 12.18
CA PRO A 183 -18.62 -7.34 12.50
C PRO A 183 -17.29 -7.23 11.79
N TRP A 184 -17.25 -6.70 10.57
CA TRP A 184 -16.00 -6.61 9.81
C TRP A 184 -15.45 -5.19 9.74
N ARG A 185 -15.75 -4.38 10.78
CA ARG A 185 -15.30 -2.99 10.78
C ARG A 185 -13.78 -2.88 10.76
N THR A 186 -13.08 -3.66 11.59
CA THR A 186 -11.62 -3.65 11.58
C THR A 186 -11.07 -3.83 10.17
N GLY A 187 -11.56 -4.87 9.46
CA GLY A 187 -11.12 -5.11 8.10
C GLY A 187 -11.35 -3.92 7.17
N LYS A 188 -12.50 -3.26 7.29
CA LYS A 188 -12.73 -2.07 6.48
C LYS A 188 -11.68 -1.00 6.75
N LEU A 189 -11.33 -0.80 8.02
CA LEU A 189 -10.25 0.12 8.34
C LEU A 189 -8.93 -0.34 7.71
N LEU A 190 -8.57 -1.61 7.91
CA LEU A 190 -7.30 -2.11 7.36
C LEU A 190 -7.23 -1.95 5.86
N LEU A 191 -8.38 -2.01 5.18
CA LEU A 191 -8.39 -1.97 3.72
C LEU A 191 -8.09 -0.58 3.15
N THR A 192 -8.05 0.45 3.99
CA THR A 192 -7.58 1.76 3.56
C THR A 192 -6.05 1.89 3.65
N LEU A 193 -5.35 0.92 4.21
CA LEU A 193 -3.92 1.12 4.42
C LEU A 193 -3.09 1.06 3.14
N PRO A 194 -3.45 0.27 2.10
CA PRO A 194 -2.68 0.39 0.85
C PRO A 194 -2.74 1.79 0.24
N LEU A 195 -3.91 2.43 0.23
CA LEU A 195 -4.01 3.79 -0.28
C LEU A 195 -3.25 4.77 0.60
N LEU A 196 -3.31 4.59 1.92
CA LEU A 196 -2.51 5.42 2.81
C LEU A 196 -1.01 5.32 2.48
N ARG A 197 -0.48 4.09 2.38
CA ARG A 197 0.94 3.95 2.08
C ARG A 197 1.27 4.51 0.71
N GLN A 198 0.42 4.27 -0.28
CA GLN A 198 0.66 4.78 -1.62
C GLN A 198 0.71 6.31 -1.62
N THR A 199 -0.22 6.95 -0.92
CA THR A 199 -0.32 8.40 -0.92
C THR A 199 0.82 9.03 -0.11
N ALA A 200 1.20 8.39 0.99
CA ALA A 200 2.38 8.83 1.75
C ALA A 200 3.64 8.79 0.89
N ALA A 201 3.83 7.70 0.13
CA ALA A 201 4.99 7.60 -0.76
C ALA A 201 5.00 8.72 -1.79
N LYS A 202 3.84 9.05 -2.36
CA LYS A 202 3.76 10.15 -3.31
C LYS A 202 4.11 11.49 -2.66
N ALA A 203 3.66 11.70 -1.41
CA ALA A 203 3.96 12.94 -0.69
C ALA A 203 5.45 13.08 -0.40
N VAL A 204 6.10 11.99 0.03
CA VAL A 204 7.54 12.04 0.24
C VAL A 204 8.26 12.45 -1.05
N GLN A 205 7.90 11.84 -2.17
CA GLN A 205 8.57 12.21 -3.43
C GLN A 205 8.34 13.67 -3.76
N HIS A 206 7.12 14.16 -3.63
CA HIS A 206 6.82 15.54 -4.02
C HIS A 206 7.63 16.54 -3.20
N PHE A 207 7.66 16.35 -1.87
CA PHE A 207 8.43 17.30 -1.07
C PHE A 207 9.94 17.05 -1.16
N TYR A 208 10.36 15.84 -1.52
CA TYR A 208 11.76 15.66 -1.87
C TYR A 208 12.11 16.46 -3.12
N SER A 209 11.19 16.52 -4.08
CA SER A 209 11.40 17.35 -5.26
C SER A 209 11.48 18.82 -4.88
N VAL A 210 10.56 19.28 -4.01
CA VAL A 210 10.63 20.65 -3.52
C VAL A 210 11.97 20.92 -2.84
N LYS A 211 12.42 19.97 -2.02
CA LYS A 211 13.72 20.09 -1.37
C LYS A 211 14.84 20.35 -2.39
N LEU A 212 14.90 19.52 -3.44
CA LEU A 212 15.96 19.64 -4.43
C LEU A 212 15.96 20.99 -5.13
N GLN A 213 14.77 21.51 -5.45
CA GLN A 213 14.67 22.81 -6.10
C GLN A 213 15.27 23.93 -5.26
N GLY A 214 15.20 23.82 -3.93
CA GLY A 214 15.97 24.68 -3.06
C GLY A 214 15.40 26.04 -2.76
N LYS A 215 14.14 26.29 -3.11
CA LYS A 215 13.54 27.61 -2.88
C LYS A 215 12.78 27.68 -1.57
N VAL A 216 12.39 26.54 -1.00
CA VAL A 216 11.56 26.48 0.19
C VAL A 216 12.46 26.08 1.36
N PRO A 217 12.67 26.93 2.36
CA PRO A 217 13.48 26.53 3.51
C PRO A 217 12.79 25.44 4.32
N MET A 218 13.58 24.53 4.86
CA MET A 218 13.05 23.39 5.59
C MET A 218 13.87 23.19 6.85
N HIS A 219 13.21 22.76 7.92
CA HIS A 219 13.91 22.54 9.18
C HIS A 219 14.63 21.19 9.17
N LYS A 220 15.56 21.05 10.12
CA LYS A 220 16.49 19.93 10.08
C LYS A 220 15.81 18.58 10.31
N LEU A 221 14.85 18.51 11.25
CA LEU A 221 14.20 17.23 11.51
C LEU A 221 13.38 16.76 10.29
N PHE A 222 12.63 17.68 9.67
CA PHE A 222 11.87 17.34 8.47
C PHE A 222 12.80 16.89 7.35
N LEU A 223 13.88 17.64 7.11
CA LEU A 223 14.90 17.26 6.15
C LEU A 223 15.43 15.85 6.42
N GLU A 224 15.71 15.54 7.69
CA GLU A 224 16.27 14.23 8.01
C GLU A 224 15.30 13.12 7.64
N MET A 225 14.02 13.27 7.99
CA MET A 225 13.01 12.28 7.61
C MET A 225 12.85 12.20 6.10
N LEU A 226 12.83 13.36 5.42
CA LEU A 226 12.58 13.39 3.98
C LEU A 226 13.72 12.73 3.20
N GLU A 227 14.96 12.91 3.66
CA GLU A 227 16.12 12.38 2.96
C GLU A 227 16.48 10.95 3.37
N ALA A 228 15.81 10.40 4.38
CA ALA A 228 16.23 9.13 4.97
C ALA A 228 16.20 7.98 3.98
N LYS A 229 17.18 7.10 4.11
CA LYS A 229 17.15 5.72 3.63
C LYS A 229 18.44 5.00 4.04
N GLY B 32 21.59 -13.47 -21.79
CA GLY B 32 21.88 -12.78 -20.55
C GLY B 32 20.63 -12.17 -19.94
N ASP B 33 20.65 -10.85 -19.76
CA ASP B 33 19.45 -10.21 -19.21
C ASP B 33 18.33 -10.16 -20.25
N ILE B 34 18.66 -10.05 -21.54
CA ILE B 34 17.63 -9.88 -22.54
C ILE B 34 16.75 -11.13 -22.63
N LYS B 35 17.36 -12.33 -22.67
CA LYS B 35 16.55 -13.52 -22.86
C LYS B 35 15.74 -13.83 -21.58
N ALA B 36 16.33 -13.59 -20.41
CA ALA B 36 15.58 -13.81 -19.17
C ALA B 36 14.38 -12.90 -19.09
N LEU B 37 14.57 -11.60 -19.32
CA LEU B 37 13.43 -10.68 -19.28
C LEU B 37 12.42 -10.99 -20.38
N THR B 38 12.88 -11.37 -21.57
CA THR B 38 11.95 -11.77 -22.61
C THR B 38 11.13 -12.99 -22.18
N THR B 39 11.82 -13.98 -21.60
CA THR B 39 11.11 -15.15 -21.10
C THR B 39 10.10 -14.75 -20.02
N LEU B 40 10.51 -13.91 -19.07
CA LEU B 40 9.61 -13.46 -18.03
C LEU B 40 8.41 -12.73 -18.61
N CYS B 41 8.66 -11.84 -19.59
CA CYS B 41 7.56 -11.02 -20.08
C CYS B 41 6.62 -11.84 -20.95
N ASP B 42 7.14 -12.87 -21.62
CA ASP B 42 6.28 -13.81 -22.32
C ASP B 42 5.41 -14.60 -21.35
N LEU B 43 5.99 -15.01 -20.21
CA LEU B 43 5.21 -15.70 -19.18
C LEU B 43 4.08 -14.82 -18.68
N ALA B 44 4.38 -13.55 -18.42
CA ALA B 44 3.33 -12.65 -17.93
C ALA B 44 2.21 -12.44 -18.95
N ASP B 45 2.53 -12.39 -20.25
CA ASP B 45 1.47 -12.21 -21.23
C ASP B 45 0.49 -13.39 -21.21
N ARG B 46 1.00 -14.61 -21.03
CA ARG B 46 0.15 -15.77 -20.93
C ARG B 46 -0.69 -15.73 -19.66
N GLU B 47 -0.11 -15.27 -18.55
CA GLU B 47 -0.85 -15.17 -17.31
C GLU B 47 -1.96 -14.13 -17.40
N LEU B 48 -1.69 -13.01 -18.09
CA LEU B 48 -2.69 -11.97 -18.24
C LEU B 48 -3.96 -12.49 -18.89
N VAL B 49 -3.83 -13.36 -19.91
CA VAL B 49 -5.04 -13.91 -20.51
C VAL B 49 -5.84 -14.68 -19.48
N VAL B 50 -5.16 -15.48 -18.65
CA VAL B 50 -5.86 -16.23 -17.61
C VAL B 50 -6.39 -15.31 -16.52
N ILE B 51 -5.61 -14.30 -16.10
CA ILE B 51 -6.10 -13.33 -15.11
C ILE B 51 -7.46 -12.80 -15.52
N ILE B 52 -7.55 -12.31 -16.76
CA ILE B 52 -8.76 -11.63 -17.22
C ILE B 52 -9.94 -12.60 -17.27
N GLY B 53 -9.72 -13.80 -17.81
CA GLY B 53 -10.79 -14.78 -17.82
C GLY B 53 -11.28 -15.10 -16.41
N TRP B 54 -10.34 -15.28 -15.48
CA TRP B 54 -10.70 -15.54 -14.08
C TRP B 54 -11.52 -14.38 -13.50
N ALA B 55 -11.08 -13.14 -13.75
CA ALA B 55 -11.77 -12.00 -13.15
C ALA B 55 -13.21 -11.88 -13.64
N LYS B 56 -13.49 -12.28 -14.89
CA LYS B 56 -14.86 -12.22 -15.39
C LYS B 56 -15.78 -13.16 -14.62
N HIS B 57 -15.23 -14.14 -13.93
CA HIS B 57 -16.04 -15.06 -13.15
C HIS B 57 -16.15 -14.68 -11.68
N ILE B 58 -15.47 -13.62 -11.26
CA ILE B 58 -15.65 -13.18 -9.87
C ILE B 58 -17.11 -12.77 -9.68
N PRO B 59 -17.80 -13.29 -8.66
CA PRO B 59 -19.21 -12.93 -8.47
C PRO B 59 -19.41 -11.43 -8.40
N GLY B 60 -20.25 -10.89 -9.29
CA GLY B 60 -20.56 -9.48 -9.32
C GLY B 60 -19.65 -8.63 -10.18
N PHE B 61 -18.43 -9.10 -10.53
CA PHE B 61 -17.51 -8.26 -11.29
C PHE B 61 -18.14 -7.85 -12.62
N SER B 62 -18.77 -8.79 -13.33
CA SER B 62 -19.32 -8.46 -14.64
C SER B 62 -20.60 -7.65 -14.58
N SER B 63 -21.15 -7.41 -13.40
CA SER B 63 -22.24 -6.46 -13.26
C SER B 63 -21.76 -5.01 -13.27
N LEU B 64 -20.46 -4.79 -13.13
CA LEU B 64 -19.89 -3.46 -13.28
C LEU B 64 -19.86 -3.05 -14.75
N SER B 65 -19.81 -1.74 -14.99
CA SER B 65 -19.61 -1.26 -16.34
C SER B 65 -18.26 -1.73 -16.88
N LEU B 66 -18.17 -1.86 -18.21
CA LEU B 66 -16.91 -2.26 -18.83
C LEU B 66 -15.79 -1.30 -18.47
N GLY B 67 -16.07 0.01 -18.45
CA GLY B 67 -15.06 0.97 -18.05
C GLY B 67 -14.56 0.72 -16.64
N ASP B 68 -15.47 0.47 -15.71
CA ASP B 68 -15.07 0.22 -14.33
C ASP B 68 -14.35 -1.12 -14.21
N GLN B 69 -14.76 -2.13 -14.97
CA GLN B 69 -14.02 -3.38 -14.97
C GLN B 69 -12.59 -3.15 -15.46
N MET B 70 -12.43 -2.39 -16.54
CA MET B 70 -11.10 -2.15 -17.07
C MET B 70 -10.24 -1.33 -16.11
N SER B 71 -10.84 -0.35 -15.41
CA SER B 71 -10.05 0.46 -14.48
C SER B 71 -9.54 -0.38 -13.31
N LEU B 72 -10.40 -1.23 -12.75
CA LEU B 72 -9.97 -2.11 -11.67
C LEU B 72 -8.82 -3.00 -12.14
N LEU B 73 -8.95 -3.59 -13.33
CA LEU B 73 -7.90 -4.52 -13.79
C LEU B 73 -6.61 -3.79 -14.12
N GLN B 74 -6.70 -2.62 -14.76
CA GLN B 74 -5.48 -1.88 -15.09
C GLN B 74 -4.75 -1.38 -13.85
N SER B 75 -5.46 -1.17 -12.73
CA SER B 75 -4.83 -0.82 -11.46
C SER B 75 -4.16 -2.02 -10.79
N ALA B 76 -4.80 -3.19 -10.82
CA ALA B 76 -4.46 -4.27 -9.92
C ALA B 76 -3.78 -5.46 -10.58
N TRP B 77 -3.61 -5.45 -11.93
CA TRP B 77 -3.13 -6.66 -12.60
C TRP B 77 -1.81 -7.13 -12.02
N MET B 78 -0.91 -6.19 -11.68
CA MET B 78 0.41 -6.57 -11.18
C MET B 78 0.34 -7.10 -9.74
N GLU B 79 -0.51 -6.51 -8.89
CA GLU B 79 -0.71 -7.09 -7.56
C GLU B 79 -1.17 -8.54 -7.66
N ILE B 80 -2.07 -8.80 -8.61
CA ILE B 80 -2.60 -10.15 -8.77
C ILE B 80 -1.53 -11.09 -9.30
N LEU B 81 -0.73 -10.62 -10.26
CA LEU B 81 0.36 -11.45 -10.78
C LEU B 81 1.35 -11.79 -9.68
N ILE B 82 1.69 -10.80 -8.84
CA ILE B 82 2.64 -11.01 -7.76
C ILE B 82 2.10 -11.99 -6.72
N LEU B 83 0.78 -11.97 -6.47
CA LEU B 83 0.20 -12.96 -5.57
C LEU B 83 0.37 -14.39 -6.10
N GLY B 84 0.25 -14.57 -7.42
CA GLY B 84 0.55 -15.87 -8.00
C GLY B 84 2.00 -16.29 -7.80
N ILE B 85 2.94 -15.36 -7.96
CA ILE B 85 4.35 -15.67 -7.70
C ILE B 85 4.55 -16.08 -6.24
N VAL B 86 4.00 -15.27 -5.32
CA VAL B 86 4.14 -15.60 -3.90
C VAL B 86 3.59 -16.99 -3.61
N TYR B 87 2.40 -17.29 -4.14
CA TYR B 87 1.78 -18.59 -3.89
C TYR B 87 2.68 -19.72 -4.38
N ARG B 88 3.17 -19.63 -5.61
CA ARG B 88 4.02 -20.70 -6.13
C ARG B 88 5.33 -20.79 -5.36
N SER B 89 5.76 -19.70 -4.72
CA SER B 89 7.09 -19.64 -4.13
C SER B 89 7.12 -20.14 -2.71
N LEU B 90 5.96 -20.40 -2.11
CA LEU B 90 5.90 -20.88 -0.74
C LEU B 90 6.70 -22.17 -0.51
N PRO B 91 6.69 -23.19 -1.36
CA PRO B 91 7.48 -24.40 -1.07
C PRO B 91 9.00 -24.18 -1.14
N TYR B 92 9.47 -23.04 -1.61
CA TYR B 92 10.89 -22.83 -1.82
C TYR B 92 11.42 -21.87 -0.78
N ASP B 93 12.74 -21.79 -0.69
CA ASP B 93 13.43 -20.90 0.23
C ASP B 93 14.41 -20.03 -0.54
N ASP B 94 14.18 -18.72 -0.51
CA ASP B 94 15.02 -17.71 -1.19
C ASP B 94 14.98 -17.84 -2.71
N LYS B 95 13.87 -18.34 -3.25
CA LYS B 95 13.69 -18.49 -4.68
C LYS B 95 12.28 -18.03 -5.03
N LEU B 96 12.15 -17.47 -6.24
CA LEU B 96 10.86 -17.03 -6.76
C LEU B 96 10.50 -17.89 -7.96
N VAL B 97 9.35 -18.53 -7.85
CA VAL B 97 8.80 -19.40 -8.91
C VAL B 97 7.92 -18.56 -9.83
N TYR B 98 8.48 -17.92 -10.87
CA TYR B 98 7.63 -17.13 -11.75
C TYR B 98 6.71 -18.03 -12.55
N ALA B 99 7.16 -19.23 -12.85
CA ALA B 99 6.35 -20.32 -13.36
C ALA B 99 6.85 -21.57 -12.67
N GLU B 100 6.02 -22.62 -12.66
CA GLU B 100 6.44 -23.85 -12.03
C GLU B 100 7.69 -24.41 -12.67
N ASP B 101 8.04 -23.93 -13.86
CA ASP B 101 9.23 -24.33 -14.59
C ASP B 101 10.26 -23.21 -14.71
N TYR B 102 10.01 -22.03 -14.13
CA TYR B 102 10.95 -20.92 -14.21
C TYR B 102 11.15 -20.32 -12.83
N ILE B 103 12.23 -20.71 -12.15
CA ILE B 103 12.50 -20.35 -10.76
C ILE B 103 13.81 -19.59 -10.70
N MET B 104 13.83 -18.49 -9.95
CA MET B 104 14.98 -17.61 -9.91
C MET B 104 15.51 -17.49 -8.48
N ASP B 105 16.81 -17.70 -8.31
CA ASP B 105 17.42 -17.45 -7.01
C ASP B 105 18.03 -16.06 -6.98
N GLU B 106 18.80 -15.77 -5.91
CA GLU B 106 19.36 -14.43 -5.72
C GLU B 106 20.34 -14.08 -6.83
N GLU B 107 21.26 -14.99 -7.15
CA GLU B 107 22.31 -14.63 -8.11
C GLU B 107 21.73 -14.45 -9.52
N HIS B 108 20.79 -15.32 -9.91
CA HIS B 108 20.20 -15.15 -11.23
C HIS B 108 19.40 -13.87 -11.31
N SER B 109 18.75 -13.47 -10.21
CA SER B 109 18.06 -12.18 -10.18
C SER B 109 19.05 -11.03 -10.38
N ARG B 110 20.19 -11.08 -9.68
CA ARG B 110 21.23 -10.05 -9.84
C ARG B 110 21.76 -10.02 -11.27
N LEU B 111 21.93 -11.17 -11.91
CA LEU B 111 22.43 -11.20 -13.29
C LEU B 111 21.54 -10.42 -14.24
N ALA B 112 20.24 -10.35 -13.97
CA ALA B 112 19.27 -9.74 -14.89
C ALA B 112 18.65 -8.45 -14.35
N GLY B 113 19.23 -7.84 -13.32
CA GLY B 113 18.78 -6.55 -12.84
C GLY B 113 17.56 -6.57 -11.95
N LEU B 114 17.16 -7.75 -11.46
CA LEU B 114 15.94 -7.91 -10.69
C LEU B 114 16.16 -8.07 -9.19
N LEU B 115 17.37 -7.79 -8.69
CA LEU B 115 17.68 -8.14 -7.30
C LEU B 115 16.79 -7.40 -6.31
N GLU B 116 16.56 -6.11 -6.54
CA GLU B 116 15.67 -5.35 -5.67
C GLU B 116 14.26 -5.91 -5.69
N LEU B 117 13.72 -6.19 -6.87
CA LEU B 117 12.35 -6.71 -6.95
C LEU B 117 12.25 -8.10 -6.33
N TYR B 118 13.23 -8.96 -6.65
CA TYR B 118 13.33 -10.27 -6.02
C TYR B 118 13.31 -10.15 -4.50
N ARG B 119 14.03 -9.18 -3.95
CA ARG B 119 14.07 -9.07 -2.50
C ARG B 119 12.74 -8.58 -1.94
N ALA B 120 12.09 -7.63 -2.64
CA ALA B 120 10.80 -7.14 -2.19
C ALA B 120 9.74 -8.23 -2.21
N ILE B 121 9.70 -9.04 -3.28
CA ILE B 121 8.72 -10.11 -3.36
C ILE B 121 9.03 -11.19 -2.33
N LEU B 122 10.32 -11.41 -2.04
CA LEU B 122 10.67 -12.31 -0.95
C LEU B 122 10.06 -11.85 0.37
N GLN B 123 10.10 -10.55 0.65
CA GLN B 123 9.48 -10.02 1.87
C GLN B 123 8.04 -10.50 2.02
N LEU B 124 7.27 -10.45 0.93
CA LEU B 124 5.92 -11.01 0.95
C LEU B 124 5.94 -12.52 1.18
N VAL B 125 6.81 -13.23 0.46
CA VAL B 125 6.87 -14.68 0.63
C VAL B 125 7.11 -15.03 2.08
N ARG B 126 7.98 -14.27 2.77
CA ARG B 126 8.20 -14.50 4.20
C ARG B 126 6.89 -14.39 4.99
N ARG B 127 6.13 -13.31 4.75
CA ARG B 127 4.92 -13.09 5.54
C ARG B 127 3.88 -14.18 5.27
N TYR B 128 3.73 -14.57 3.99
CA TYR B 128 2.74 -15.58 3.61
C TYR B 128 3.17 -16.99 4.04
N LYS B 129 4.48 -17.26 4.05
CA LYS B 129 4.95 -18.55 4.54
C LYS B 129 4.71 -18.69 6.04
N LYS B 130 4.91 -17.61 6.80
CA LYS B 130 4.67 -17.65 8.24
C LYS B 130 3.20 -17.82 8.56
N LEU B 131 2.32 -17.19 7.79
CA LEU B 131 0.89 -17.36 7.98
C LEU B 131 0.34 -18.63 7.33
N LYS B 132 1.17 -19.36 6.59
CA LYS B 132 0.74 -20.58 5.91
C LYS B 132 -0.55 -20.33 5.12
N VAL B 133 -0.49 -19.31 4.25
CA VAL B 133 -1.66 -18.95 3.45
C VAL B 133 -1.97 -20.05 2.45
N GLU B 134 -3.25 -20.37 2.32
CA GLU B 134 -3.72 -21.48 1.51
C GLU B 134 -4.16 -21.02 0.12
N LYS B 135 -4.16 -21.97 -0.83
CA LYS B 135 -4.62 -21.70 -2.20
C LYS B 135 -5.94 -20.93 -2.22
N GLU B 136 -6.93 -21.38 -1.43
CA GLU B 136 -8.23 -20.72 -1.39
C GLU B 136 -8.11 -19.27 -0.94
N GLU B 137 -7.23 -19.01 0.02
CA GLU B 137 -7.00 -17.66 0.52
C GLU B 137 -6.32 -16.77 -0.52
N PHE B 138 -5.39 -17.33 -1.30
CA PHE B 138 -4.81 -16.55 -2.38
C PHE B 138 -5.89 -16.11 -3.38
N VAL B 139 -6.80 -17.01 -3.75
CA VAL B 139 -7.76 -16.61 -4.78
C VAL B 139 -8.67 -15.50 -4.25
N THR B 140 -8.99 -15.49 -2.96
CA THR B 140 -9.91 -14.47 -2.40
C THR B 140 -9.15 -13.15 -2.23
N LEU B 141 -7.86 -13.23 -1.91
CA LEU B 141 -7.07 -12.00 -1.77
C LEU B 141 -6.84 -11.32 -3.12
N LYS B 142 -6.63 -12.12 -4.18
CA LYS B 142 -6.58 -11.58 -5.54
C LYS B 142 -7.87 -10.83 -5.89
N ALA B 143 -9.03 -11.44 -5.62
CA ALA B 143 -10.29 -10.79 -5.95
C ALA B 143 -10.50 -9.53 -5.10
N LEU B 144 -10.19 -9.61 -3.80
CA LEU B 144 -10.33 -8.44 -2.93
C LEU B 144 -9.36 -7.32 -3.32
N ALA B 145 -8.12 -7.69 -3.66
CA ALA B 145 -7.16 -6.68 -4.13
C ALA B 145 -7.64 -5.99 -5.41
N LEU B 146 -8.26 -6.75 -6.30
CA LEU B 146 -8.84 -6.15 -7.50
C LEU B 146 -9.91 -5.11 -7.15
N ALA B 147 -10.86 -5.45 -6.29
CA ALA B 147 -11.92 -4.50 -6.00
C ALA B 147 -11.50 -3.39 -5.06
N ASN B 148 -10.38 -3.56 -4.34
CA ASN B 148 -9.80 -2.54 -3.47
C ASN B 148 -8.79 -1.63 -4.18
N SER B 149 -8.78 -1.65 -5.52
CA SER B 149 -7.70 -1.08 -6.34
C SER B 149 -7.46 0.41 -6.11
N ASP B 150 -8.49 1.18 -5.74
CA ASP B 150 -8.38 2.63 -5.56
C ASP B 150 -8.04 3.34 -6.87
N SER B 151 -8.67 2.90 -7.96
CA SER B 151 -8.44 3.49 -9.28
C SER B 151 -8.99 4.91 -9.36
N MET B 152 -8.41 5.69 -10.28
CA MET B 152 -8.72 7.11 -10.43
C MET B 152 -9.97 7.39 -11.25
N HIS B 153 -10.37 6.49 -12.14
CA HIS B 153 -11.44 6.86 -13.07
C HIS B 153 -12.66 5.96 -12.93
N ILE B 154 -13.12 5.73 -11.70
CA ILE B 154 -14.27 4.87 -11.49
C ILE B 154 -15.55 5.67 -11.71
N GLU B 155 -16.48 5.10 -12.50
CA GLU B 155 -17.73 5.76 -12.84
C GLU B 155 -18.80 5.57 -11.76
N ASP B 156 -18.87 4.39 -11.16
CA ASP B 156 -19.87 4.07 -10.14
C ASP B 156 -19.16 3.63 -8.87
N LEU B 157 -18.84 4.61 -8.00
CA LEU B 157 -18.16 4.32 -6.74
C LEU B 157 -18.94 3.33 -5.89
N GLU B 158 -20.27 3.46 -5.86
CA GLU B 158 -21.07 2.62 -4.98
C GLU B 158 -21.05 1.16 -5.42
N ALA B 159 -21.19 0.92 -6.73
CA ALA B 159 -21.09 -0.45 -7.23
C ALA B 159 -19.74 -1.08 -6.89
N VAL B 160 -18.65 -0.34 -7.09
CA VAL B 160 -17.32 -0.88 -6.77
C VAL B 160 -17.20 -1.15 -5.27
N GLN B 161 -17.68 -0.21 -4.46
CA GLN B 161 -17.62 -0.40 -3.01
C GLN B 161 -18.43 -1.63 -2.58
N LYS B 162 -19.60 -1.84 -3.19
CA LYS B 162 -20.45 -2.98 -2.84
C LYS B 162 -19.77 -4.30 -3.21
N LEU B 163 -19.09 -4.33 -4.34
CA LEU B 163 -18.33 -5.51 -4.71
C LEU B 163 -17.18 -5.76 -3.73
N GLN B 164 -16.47 -4.69 -3.36
CA GLN B 164 -15.39 -4.82 -2.38
C GLN B 164 -15.91 -5.37 -1.06
N ASP B 165 -17.06 -4.87 -0.59
CA ASP B 165 -17.64 -5.34 0.67
C ASP B 165 -18.01 -6.82 0.60
N LEU B 166 -18.56 -7.27 -0.53
CA LEU B 166 -18.92 -8.68 -0.65
C LEU B 166 -17.68 -9.58 -0.69
N LEU B 167 -16.63 -9.12 -1.37
CA LEU B 167 -15.43 -9.94 -1.46
C LEU B 167 -14.70 -9.98 -0.13
N HIS B 168 -14.67 -8.84 0.58
CA HIS B 168 -14.16 -8.80 1.95
C HIS B 168 -14.97 -9.73 2.86
N GLU B 169 -16.30 -9.66 2.77
CA GLU B 169 -17.15 -10.54 3.58
C GLU B 169 -16.89 -12.00 3.24
N ALA B 170 -16.65 -12.33 1.96
CA ALA B 170 -16.34 -13.71 1.61
C ALA B 170 -15.10 -14.19 2.36
N LEU B 171 -14.06 -13.36 2.41
CA LEU B 171 -12.84 -13.75 3.11
C LEU B 171 -13.12 -13.93 4.60
N GLN B 172 -13.78 -12.95 5.23
CA GLN B 172 -14.11 -13.07 6.64
C GLN B 172 -14.94 -14.32 6.92
N ASP B 173 -15.93 -14.61 6.08
CA ASP B 173 -16.75 -15.80 6.28
C ASP B 173 -15.91 -17.07 6.21
N TYR B 174 -15.00 -17.13 5.22
CA TYR B 174 -14.12 -18.28 5.07
C TYR B 174 -13.27 -18.49 6.31
N GLU B 175 -12.71 -17.40 6.84
CA GLU B 175 -11.79 -17.50 7.96
C GLU B 175 -12.50 -17.92 9.24
N LEU B 176 -13.71 -17.40 9.45
CA LEU B 176 -14.47 -17.77 10.63
C LEU B 176 -14.88 -19.24 10.60
N SER B 177 -15.18 -19.75 9.42
CA SER B 177 -15.59 -21.14 9.26
C SER B 177 -14.38 -22.09 9.27
N GLN B 178 -13.30 -21.72 8.60
CA GLN B 178 -12.17 -22.62 8.43
C GLN B 178 -11.04 -22.44 9.45
N HIS B 179 -10.95 -21.30 10.13
CA HIS B 179 -9.85 -21.03 11.05
C HIS B 179 -10.37 -20.28 12.28
N HIS B 180 -11.40 -20.83 12.91
CA HIS B 180 -12.05 -20.13 14.01
C HIS B 180 -11.10 -19.90 15.17
N GLU B 181 -10.12 -20.76 15.36
CA GLU B 181 -9.23 -20.65 16.51
C GLU B 181 -8.06 -19.71 16.28
N GLU B 182 -8.03 -19.02 15.12
CA GLU B 182 -7.09 -17.94 14.85
C GLU B 182 -7.91 -16.67 14.64
N PRO B 183 -8.36 -16.04 15.74
CA PRO B 183 -9.44 -15.05 15.66
C PRO B 183 -9.24 -13.93 14.64
N TRP B 184 -8.03 -13.41 14.51
CA TRP B 184 -7.79 -12.25 13.65
C TRP B 184 -7.00 -12.62 12.40
N ARG B 185 -7.20 -13.82 11.87
CA ARG B 185 -6.44 -14.26 10.70
C ARG B 185 -6.70 -13.38 9.48
N THR B 186 -7.96 -12.99 9.25
CA THR B 186 -8.28 -12.11 8.14
C THR B 186 -7.47 -10.82 8.23
N GLY B 187 -7.43 -10.20 9.42
CA GLY B 187 -6.65 -8.98 9.58
C GLY B 187 -5.19 -9.16 9.24
N LYS B 188 -4.59 -10.28 9.66
CA LYS B 188 -3.20 -10.54 9.35
C LYS B 188 -2.98 -10.61 7.84
N LEU B 189 -3.90 -11.28 7.13
CA LEU B 189 -3.85 -11.29 5.68
C LEU B 189 -3.98 -9.88 5.10
N LEU B 190 -4.93 -9.09 5.61
CA LEU B 190 -5.15 -7.75 5.08
C LEU B 190 -3.93 -6.87 5.28
N LEU B 191 -3.21 -7.08 6.39
CA LEU B 191 -2.08 -6.21 6.71
C LEU B 191 -0.91 -6.39 5.75
N THR B 192 -0.91 -7.45 4.93
CA THR B 192 0.09 -7.58 3.87
C THR B 192 -0.26 -6.79 2.61
N LEU B 193 -1.46 -6.26 2.50
CA LEU B 193 -1.83 -5.59 1.26
C LEU B 193 -1.09 -4.27 0.99
N PRO B 194 -0.67 -3.49 2.01
CA PRO B 194 0.17 -2.32 1.68
C PRO B 194 1.48 -2.70 1.00
N LEU B 195 2.18 -3.71 1.53
CA LEU B 195 3.43 -4.14 0.92
C LEU B 195 3.19 -4.70 -0.48
N LEU B 196 2.08 -5.42 -0.68
CA LEU B 196 1.76 -5.93 -2.02
C LEU B 196 1.59 -4.79 -3.02
N ARG B 197 0.82 -3.77 -2.64
CA ARG B 197 0.61 -2.65 -3.55
C ARG B 197 1.91 -1.89 -3.82
N GLN B 198 2.73 -1.70 -2.79
CA GLN B 198 4.02 -1.03 -2.93
C GLN B 198 4.95 -1.79 -3.86
N THR B 199 4.99 -3.11 -3.73
CA THR B 199 5.88 -3.92 -4.56
C THR B 199 5.39 -3.99 -5.99
N ALA B 200 4.07 -4.11 -6.18
CA ALA B 200 3.50 -4.11 -7.54
C ALA B 200 3.82 -2.82 -8.28
N ALA B 201 3.76 -1.68 -7.58
CA ALA B 201 4.06 -0.41 -8.23
C ALA B 201 5.50 -0.35 -8.71
N LYS B 202 6.44 -0.82 -7.89
CA LYS B 202 7.84 -0.79 -8.30
C LYS B 202 8.13 -1.84 -9.38
N ALA B 203 7.35 -2.93 -9.42
CA ALA B 203 7.47 -3.87 -10.55
C ALA B 203 7.02 -3.22 -11.84
N VAL B 204 5.91 -2.47 -11.80
CA VAL B 204 5.42 -1.79 -12.99
C VAL B 204 6.46 -0.77 -13.47
N GLN B 205 7.02 0.00 -12.54
CA GLN B 205 8.02 0.99 -12.93
C GLN B 205 9.24 0.32 -13.55
N HIS B 206 9.69 -0.79 -12.96
CA HIS B 206 10.86 -1.48 -13.49
C HIS B 206 10.63 -1.95 -14.91
N PHE B 207 9.52 -2.62 -15.19
CA PHE B 207 9.32 -3.14 -16.54
C PHE B 207 8.88 -2.07 -17.53
N TYR B 208 8.31 -0.97 -17.06
CA TYR B 208 8.15 0.18 -17.94
C TYR B 208 9.50 0.73 -18.38
N SER B 209 10.48 0.76 -17.46
CA SER B 209 11.83 1.14 -17.83
C SER B 209 12.42 0.15 -18.85
N VAL B 210 12.19 -1.14 -18.65
CA VAL B 210 12.63 -2.11 -19.66
C VAL B 210 11.97 -1.81 -21.01
N LYS B 211 10.68 -1.45 -20.98
CA LYS B 211 9.96 -1.13 -22.20
C LYS B 211 10.62 0.01 -22.96
N LEU B 212 10.88 1.12 -22.27
CA LEU B 212 11.46 2.31 -22.88
C LEU B 212 12.85 2.03 -23.45
N GLN B 213 13.59 1.10 -22.84
CA GLN B 213 14.93 0.78 -23.35
C GLN B 213 14.87 0.05 -24.70
N GLY B 214 13.79 -0.67 -24.97
CA GLY B 214 13.55 -1.18 -26.31
C GLY B 214 14.27 -2.46 -26.70
N LYS B 215 15.06 -3.05 -25.80
CA LYS B 215 15.82 -4.25 -26.16
C LYS B 215 15.07 -5.54 -25.92
N VAL B 216 14.03 -5.54 -25.08
CA VAL B 216 13.27 -6.74 -24.77
C VAL B 216 11.93 -6.64 -25.53
N PRO B 217 11.64 -7.59 -26.41
CA PRO B 217 10.34 -7.57 -27.12
C PRO B 217 9.20 -7.99 -26.20
N MET B 218 8.04 -7.36 -26.40
CA MET B 218 6.88 -7.61 -25.55
C MET B 218 5.63 -7.76 -26.39
N HIS B 219 4.72 -8.63 -25.93
CA HIS B 219 3.44 -8.83 -26.60
C HIS B 219 2.48 -7.67 -26.29
N LYS B 220 1.45 -7.54 -27.14
CA LYS B 220 0.61 -6.34 -27.12
C LYS B 220 -0.25 -6.25 -25.86
N LEU B 221 -0.70 -7.39 -25.34
CA LEU B 221 -1.53 -7.31 -24.12
C LEU B 221 -0.70 -6.85 -22.93
N PHE B 222 0.47 -7.45 -22.72
CA PHE B 222 1.38 -7.00 -21.65
C PHE B 222 1.68 -5.51 -21.80
N LEU B 223 1.97 -5.07 -23.02
CA LEU B 223 2.24 -3.67 -23.29
C LEU B 223 1.06 -2.79 -22.94
N GLU B 224 -0.15 -3.27 -23.24
CA GLU B 224 -1.36 -2.51 -22.95
C GLU B 224 -1.55 -2.30 -21.46
N MET B 225 -1.35 -3.37 -20.66
CA MET B 225 -1.45 -3.25 -19.21
C MET B 225 -0.31 -2.40 -18.64
N LEU B 226 0.89 -2.55 -19.20
CA LEU B 226 2.07 -1.86 -18.68
C LEU B 226 2.00 -0.36 -18.95
N GLU B 227 1.44 0.04 -20.08
CA GLU B 227 1.43 1.45 -20.45
C GLU B 227 0.19 2.18 -19.95
N ALA B 228 -0.73 1.48 -19.32
CA ALA B 228 -1.95 2.09 -18.82
C ALA B 228 -1.64 3.18 -17.78
N LYS C 1 20.18 9.48 7.27
CA LYS C 1 20.79 9.84 8.55
C LYS C 1 19.73 9.90 9.64
N HIS C 2 20.17 9.89 10.90
CA HIS C 2 19.23 9.81 12.02
C HIS C 2 19.74 10.53 13.27
N LYS C 3 20.62 11.51 13.11
CA LYS C 3 21.25 12.15 14.27
C LYS C 3 20.21 12.86 15.12
N ILE C 4 19.30 13.59 14.48
CA ILE C 4 18.31 14.35 15.21
C ILE C 4 17.27 13.42 15.82
N LEU C 5 16.77 12.46 15.02
CA LEU C 5 15.80 11.48 15.52
C LEU C 5 16.35 10.70 16.70
N HIS C 6 17.60 10.22 16.60
CA HIS C 6 18.24 9.51 17.70
C HIS C 6 18.21 10.33 18.98
N ARG C 7 18.63 11.59 18.89
CA ARG C 7 18.66 12.48 20.05
C ARG C 7 17.27 12.65 20.65
N LEU C 8 16.26 12.85 19.80
CA LEU C 8 14.90 13.09 20.31
C LEU C 8 14.31 11.84 20.95
N LEU C 9 14.71 10.65 20.49
CA LEU C 9 14.32 9.42 21.15
C LEU C 9 15.16 9.10 22.38
N GLN C 10 16.19 9.91 22.66
CA GLN C 10 17.14 9.69 23.76
C GLN C 10 17.90 8.38 23.57
N LYS D 1 -4.44 2.77 -22.91
CA LYS D 1 -5.28 2.19 -23.96
C LYS D 1 -5.87 0.87 -23.47
N HIS D 2 -6.92 0.38 -24.15
CA HIS D 2 -7.60 -0.81 -23.64
C HIS D 2 -8.26 -1.66 -24.71
N LYS D 3 -7.81 -1.59 -25.96
CA LYS D 3 -8.47 -2.29 -27.06
C LYS D 3 -8.60 -3.79 -26.76
N ILE D 4 -7.49 -4.41 -26.37
CA ILE D 4 -7.46 -5.86 -26.19
C ILE D 4 -8.26 -6.25 -24.97
N LEU D 5 -7.93 -5.65 -23.82
CA LEU D 5 -8.69 -5.84 -22.59
C LEU D 5 -10.19 -5.73 -22.81
N HIS D 6 -10.63 -4.69 -23.54
CA HIS D 6 -12.06 -4.46 -23.72
C HIS D 6 -12.70 -5.59 -24.52
N ARG D 7 -12.01 -6.09 -25.55
CA ARG D 7 -12.54 -7.20 -26.32
C ARG D 7 -12.59 -8.47 -25.47
N LEU D 8 -11.55 -8.71 -24.67
CA LEU D 8 -11.49 -9.93 -23.87
C LEU D 8 -12.56 -9.94 -22.80
N LEU D 9 -12.92 -8.77 -22.27
CA LEU D 9 -14.00 -8.68 -21.30
C LEU D 9 -15.38 -8.77 -21.94
N GLN D 10 -15.49 -8.41 -23.23
CA GLN D 10 -16.79 -8.41 -23.92
C GLN D 10 -17.19 -9.81 -24.35
N ASP D 11 -16.30 -10.52 -25.04
CA ASP D 11 -16.60 -11.81 -25.65
C ASP D 11 -17.28 -12.80 -24.70
#